data_8I4P
#
_entry.id   8I4P
#
_cell.length_a   101.721
_cell.length_b   101.721
_cell.length_c   311.936
_cell.angle_alpha   90.00
_cell.angle_beta   90.00
_cell.angle_gamma   90.00
#
_symmetry.space_group_name_H-M   'I 41 2 2'
#
loop_
_entity.id
_entity.type
_entity.pdbx_description
1 polymer 'Acyl-CoA dehydrogenase'
2 non-polymer GLYCEROL
3 non-polymer 'FLAVIN-ADENINE DINUCLEOTIDE'
4 water water
#
_entity_poly.entity_id   1
_entity_poly.type   'polypeptide(L)'
_entity_poly.pdbx_seq_one_letter_code
;MSDFDLYRPTEEHEALREAIRSVAEDKIAPHAADVDEQSRFPQEAYEALRASDFHAPHVAEEYGGVGADALATCIVIEEI
ARVCASSSLIPAVNKLGSMPLILSGSDEVKQRYLPELASGEAMFSYGLSEREAGSDTASMRTRAVRDGDDWILNGQKSWI
TNAGISKYYTVMAVTDPDGPRGRNISAFVVHIDDPGFSFGEPERKLGIKGSPTRELIFDNVRIPGDRLVGKVGEGLRTAL
RTLDHTRVTIGAQAVGIAQGALDYALGYVKERKQFGKAIADFQGIQFMLADMAMKLEAARQMVYVAAAKSERDDADLSFY
GAAAKCFASDVAMEITTDAVQLLGGYGYTRDYPVERMMRDAKITQIYEGTNQIQRVVMARQLLKKLEHHHHHH
;
_entity_poly.pdbx_strand_id   A
#
loop_
_chem_comp.id
_chem_comp.type
_chem_comp.name
_chem_comp.formula
FAD non-polymer 'FLAVIN-ADENINE DINUCLEOTIDE' 'C27 H33 N9 O15 P2'
GOL non-polymer GLYCEROL 'C3 H8 O3'
#
# COMPACT_ATOMS: atom_id res chain seq x y z
N PHE A 4 2.02 -8.26 32.24
CA PHE A 4 2.44 -9.25 31.20
C PHE A 4 2.11 -8.65 29.83
N ASP A 5 3.02 -7.86 29.25
CA ASP A 5 2.71 -6.94 28.12
C ASP A 5 3.04 -7.61 26.77
N LEU A 6 2.83 -8.92 26.70
CA LEU A 6 3.25 -9.72 25.54
C LEU A 6 2.12 -9.76 24.51
N TYR A 7 2.49 -9.79 23.24
CA TYR A 7 1.56 -10.08 22.12
C TYR A 7 0.32 -9.16 22.15
N ARG A 8 0.56 -7.86 22.25
CA ARG A 8 -0.45 -6.82 22.04
C ARG A 8 0.27 -5.51 21.72
N PRO A 9 -0.42 -4.61 21.02
CA PRO A 9 0.11 -3.26 20.80
C PRO A 9 0.18 -2.52 22.16
N THR A 10 1.02 -1.48 22.23
CA THR A 10 1.19 -0.60 23.41
C THR A 10 -0.07 0.22 23.61
N GLU A 11 -0.24 0.79 24.80
CA GLU A 11 -1.34 1.74 25.09
C GLU A 11 -1.28 2.89 24.09
N GLU A 12 -0.08 3.33 23.72
CA GLU A 12 0.12 4.44 22.78
C GLU A 12 -0.45 4.01 21.43
N HIS A 13 -0.21 2.76 21.01
CA HIS A 13 -0.75 2.20 19.74
C HIS A 13 -2.27 2.22 19.77
N GLU A 14 -2.90 1.88 20.90
CA GLU A 14 -4.35 1.81 21.00
C GLU A 14 -4.92 3.25 21.01
N ALA A 15 -4.25 4.24 21.62
CA ALA A 15 -4.64 5.68 21.54
C ALA A 15 -4.55 6.14 20.06
N LEU A 16 -3.46 5.83 19.39
CA LEU A 16 -3.31 6.07 17.92
C LEU A 16 -4.49 5.44 17.17
N ARG A 17 -4.80 4.15 17.43
CA ARG A 17 -5.92 3.44 16.74
C ARG A 17 -7.20 4.26 16.90
N GLU A 18 -7.50 4.65 18.12
CA GLU A 18 -8.73 5.42 18.39
C GLU A 18 -8.73 6.74 17.61
N ALA A 19 -7.59 7.44 17.53
CA ALA A 19 -7.50 8.74 16.83
C ALA A 19 -7.66 8.56 15.31
N ILE A 20 -6.93 7.63 14.67
CA ILE A 20 -7.16 7.40 13.21
C ILE A 20 -8.59 6.91 12.96
N ARG A 21 -9.16 6.06 13.82
CA ARG A 21 -10.53 5.56 13.62
C ARG A 21 -11.53 6.74 13.58
N SER A 22 -11.40 7.73 14.47
CA SER A 22 -12.25 8.96 14.46
C SER A 22 -12.14 9.71 13.15
N VAL A 23 -10.93 9.95 12.68
CA VAL A 23 -10.72 10.66 11.39
C VAL A 23 -11.34 9.82 10.28
N ALA A 24 -11.10 8.50 10.29
CA ALA A 24 -11.61 7.62 9.23
C ALA A 24 -13.15 7.64 9.24
N GLU A 25 -13.78 7.41 10.39
CA GLU A 25 -15.26 7.29 10.45
C GLU A 25 -15.92 8.65 10.17
N ASP A 26 -15.32 9.76 10.60
CA ASP A 26 -15.95 11.10 10.47
C ASP A 26 -15.69 11.71 9.10
N LYS A 27 -14.48 11.64 8.59
CA LYS A 27 -14.05 12.45 7.44
C LYS A 27 -13.83 11.63 6.16
N ILE A 28 -13.50 10.35 6.27
CA ILE A 28 -13.15 9.52 5.08
C ILE A 28 -14.38 8.70 4.65
N ALA A 29 -14.97 7.96 5.59
CA ALA A 29 -16.08 7.01 5.35
C ALA A 29 -17.21 7.63 4.55
N PRO A 30 -17.67 8.88 4.85
CA PRO A 30 -18.79 9.47 4.10
C PRO A 30 -18.53 9.63 2.60
N HIS A 31 -17.27 9.71 2.17
CA HIS A 31 -16.90 9.96 0.75
C HIS A 31 -16.54 8.67 0.00
N ALA A 32 -16.42 7.54 0.70
CA ALA A 32 -15.81 6.32 0.12
C ALA A 32 -16.63 5.90 -1.09
N ALA A 33 -17.96 5.88 -0.99
CA ALA A 33 -18.81 5.40 -2.11
C ALA A 33 -18.66 6.30 -3.33
N ASP A 34 -18.66 7.62 -3.10
CA ASP A 34 -18.55 8.61 -4.21
C ASP A 34 -17.15 8.54 -4.83
N VAL A 35 -16.13 8.35 -4.02
CA VAL A 35 -14.73 8.16 -4.52
C VAL A 35 -14.62 6.99 -5.52
N ASP A 36 -15.20 5.85 -5.15
CA ASP A 36 -15.28 4.63 -6.01
C ASP A 36 -16.14 4.95 -7.25
N GLU A 37 -17.36 5.46 -7.02
CA GLU A 37 -18.38 5.63 -8.09
C GLU A 37 -17.88 6.60 -9.16
N GLN A 38 -17.17 7.67 -8.80
CA GLN A 38 -16.64 8.67 -9.77
C GLN A 38 -15.19 8.38 -10.12
N SER A 39 -14.58 7.33 -9.57
CA SER A 39 -13.17 6.99 -9.81
C SER A 39 -12.30 8.23 -9.59
N ARG A 40 -12.46 8.93 -8.48
CA ARG A 40 -11.79 10.24 -8.27
C ARG A 40 -10.89 10.12 -7.05
N PHE A 41 -9.83 10.90 -7.02
CA PHE A 41 -8.90 10.91 -5.88
C PHE A 41 -9.63 11.27 -4.59
N PRO A 42 -9.36 10.54 -3.48
CA PRO A 42 -10.02 10.84 -2.21
C PRO A 42 -9.45 12.09 -1.54
N GLN A 43 -9.84 13.25 -2.08
CA GLN A 43 -9.29 14.57 -1.71
C GLN A 43 -9.73 14.92 -0.28
N GLU A 44 -10.98 14.63 0.06
CA GLU A 44 -11.49 14.89 1.43
C GLU A 44 -10.66 14.09 2.44
N ALA A 45 -10.31 12.84 2.10
CA ALA A 45 -9.52 11.99 2.99
C ALA A 45 -8.12 12.57 3.08
N TYR A 46 -7.52 12.96 1.97
CA TYR A 46 -6.16 13.52 1.99
C TYR A 46 -6.10 14.73 2.98
N GLU A 47 -7.05 15.64 2.89
CA GLU A 47 -7.07 16.85 3.73
C GLU A 47 -7.27 16.46 5.19
N ALA A 48 -8.18 15.53 5.48
CA ALA A 48 -8.41 15.09 6.87
C ALA A 48 -7.15 14.41 7.42
N LEU A 49 -6.50 13.59 6.61
CA LEU A 49 -5.28 12.86 7.06
C LEU A 49 -4.17 13.89 7.24
N ARG A 50 -4.00 14.81 6.29
CA ARG A 50 -2.92 15.83 6.46
C ARG A 50 -3.15 16.65 7.74
N ALA A 51 -4.37 17.07 8.01
CA ALA A 51 -4.69 17.90 9.19
C ALA A 51 -4.41 17.12 10.47
N SER A 52 -4.41 15.79 10.48
CA SER A 52 -4.21 15.06 11.77
C SER A 52 -2.87 14.33 11.70
N ASP A 53 -2.02 14.63 10.71
CA ASP A 53 -0.66 14.03 10.57
C ASP A 53 -0.72 12.51 10.43
N PHE A 54 -1.71 12.01 9.69
CA PHE A 54 -1.87 10.57 9.33
C PHE A 54 -1.65 10.29 7.84
N HIS A 55 -1.15 11.27 7.07
CA HIS A 55 -0.92 11.11 5.62
C HIS A 55 0.42 10.40 5.36
N ALA A 56 1.39 10.53 6.25
CA ALA A 56 2.74 9.95 6.04
C ALA A 56 3.45 9.78 7.37
N PRO A 57 2.85 9.07 8.33
CA PRO A 57 3.32 9.12 9.72
C PRO A 57 4.68 8.48 10.00
N HIS A 58 5.22 7.72 9.07
CA HIS A 58 6.48 6.96 9.25
C HIS A 58 7.68 7.91 9.15
N VAL A 59 7.53 9.10 8.55
CA VAL A 59 8.73 9.97 8.31
C VAL A 59 9.37 10.38 9.66
N ALA A 60 10.70 10.36 9.76
CA ALA A 60 11.43 10.66 11.03
C ALA A 60 11.05 12.05 11.55
N GLU A 61 11.03 12.19 12.87
CA GLU A 61 10.91 13.50 13.56
C GLU A 61 11.99 14.46 13.07
N GLU A 62 13.16 14.00 12.70
CA GLU A 62 14.19 14.98 12.26
C GLU A 62 13.72 15.68 10.97
N TYR A 63 12.70 15.20 10.24
CA TYR A 63 12.30 15.81 8.95
C TYR A 63 10.94 16.46 9.12
N GLY A 64 10.52 16.64 10.35
CA GLY A 64 9.22 17.25 10.67
C GLY A 64 8.13 16.20 10.77
N GLY A 65 8.49 14.92 10.71
CA GLY A 65 7.53 13.80 10.69
C GLY A 65 7.07 13.39 12.07
N VAL A 66 6.08 12.48 12.11
CA VAL A 66 5.53 11.90 13.35
C VAL A 66 6.52 10.87 13.92
N GLY A 67 7.36 10.24 13.11
CA GLY A 67 8.26 9.16 13.53
C GLY A 67 7.52 7.90 13.99
N ALA A 68 6.37 7.55 13.41
CA ALA A 68 5.60 6.37 13.87
C ALA A 68 6.36 5.09 13.53
N ASP A 69 6.39 4.13 14.46
CA ASP A 69 6.99 2.79 14.23
C ASP A 69 6.16 2.00 13.16
N ALA A 70 6.71 0.90 12.65
CA ALA A 70 6.11 0.12 11.55
C ALA A 70 4.74 -0.44 11.95
N LEU A 71 4.55 -0.77 13.22
CA LEU A 71 3.27 -1.30 13.73
C LEU A 71 2.25 -0.18 13.78
N ALA A 72 2.60 0.99 14.33
CA ALA A 72 1.71 2.17 14.34
C ALA A 72 1.30 2.47 12.91
N THR A 73 2.22 2.46 11.95
CA THR A 73 1.92 2.81 10.55
C THR A 73 0.93 1.79 9.95
N CYS A 74 1.16 0.49 10.21
CA CYS A 74 0.19 -0.61 9.91
C CYS A 74 -1.19 -0.32 10.50
N ILE A 75 -1.27 0.06 11.76
CA ILE A 75 -2.61 0.32 12.36
C ILE A 75 -3.27 1.48 11.63
N VAL A 76 -2.49 2.50 11.27
CA VAL A 76 -3.09 3.64 10.53
C VAL A 76 -3.70 3.12 9.20
N ILE A 77 -2.89 2.43 8.39
CA ILE A 77 -3.36 1.94 7.06
C ILE A 77 -4.59 1.04 7.23
N GLU A 78 -4.59 0.13 8.22
CA GLU A 78 -5.71 -0.78 8.58
C GLU A 78 -6.98 0.01 8.86
N GLU A 79 -6.92 0.97 9.79
CA GLU A 79 -8.10 1.76 10.20
C GLU A 79 -8.65 2.58 9.02
N ILE A 80 -7.80 3.11 8.12
CA ILE A 80 -8.31 3.83 6.93
C ILE A 80 -8.96 2.81 5.97
N ALA A 81 -8.29 1.69 5.76
CA ALA A 81 -8.71 0.68 4.76
C ALA A 81 -10.03 0.07 5.18
N ARG A 82 -10.33 0.10 6.48
CA ARG A 82 -11.64 -0.34 6.98
C ARG A 82 -12.81 0.45 6.37
N VAL A 83 -12.61 1.72 6.01
CA VAL A 83 -13.71 2.55 5.43
C VAL A 83 -13.46 2.91 3.97
N CYS A 84 -12.21 3.00 3.54
CA CYS A 84 -11.90 3.47 2.17
C CYS A 84 -10.54 2.92 1.78
N ALA A 85 -10.53 1.90 0.94
CA ALA A 85 -9.25 1.30 0.52
C ALA A 85 -8.41 2.30 -0.30
N SER A 86 -9.06 3.10 -1.15
CA SER A 86 -8.35 4.12 -1.97
C SER A 86 -7.63 5.11 -1.05
N SER A 87 -8.27 5.52 0.01
CA SER A 87 -7.68 6.50 0.98
C SER A 87 -6.48 5.87 1.68
N SER A 88 -6.52 4.54 1.97
CA SER A 88 -5.47 3.85 2.75
C SER A 88 -4.16 3.92 1.96
N LEU A 89 -4.26 4.05 0.63
CA LEU A 89 -3.05 4.11 -0.23
C LEU A 89 -2.32 5.45 -0.10
N ILE A 90 -2.93 6.46 0.52
CA ILE A 90 -2.19 7.73 0.72
C ILE A 90 -0.98 7.44 1.63
N PRO A 91 -1.13 6.97 2.89
CA PRO A 91 0.04 6.64 3.73
C PRO A 91 0.80 5.40 3.23
N ALA A 92 0.12 4.42 2.65
CA ALA A 92 0.81 3.20 2.16
C ALA A 92 1.76 3.57 1.02
N VAL A 93 1.31 4.34 0.03
CA VAL A 93 2.18 4.66 -1.14
C VAL A 93 3.15 5.79 -0.76
N ASN A 94 2.77 6.72 0.12
CA ASN A 94 3.74 7.70 0.66
C ASN A 94 4.94 6.94 1.28
N LYS A 95 4.71 5.88 2.07
CA LYS A 95 5.84 5.04 2.60
C LYS A 95 6.57 4.32 1.46
N LEU A 96 5.85 3.64 0.57
CA LEU A 96 6.50 2.91 -0.54
C LEU A 96 7.46 3.84 -1.29
N GLY A 97 6.99 4.99 -1.76
CA GLY A 97 7.80 5.91 -2.59
C GLY A 97 8.97 6.51 -1.80
N SER A 98 8.79 6.73 -0.51
CA SER A 98 9.86 7.37 0.33
C SER A 98 10.88 6.36 0.86
N MET A 99 10.53 5.07 0.93
CA MET A 99 11.34 4.05 1.64
C MET A 99 12.71 3.93 0.97
N PRO A 100 12.86 3.95 -0.35
CA PRO A 100 14.19 3.91 -0.94
C PRO A 100 15.09 5.08 -0.47
N LEU A 101 14.52 6.27 -0.26
CA LEU A 101 15.27 7.46 0.23
C LEU A 101 15.64 7.15 1.67
N ILE A 102 14.67 6.69 2.47
CA ILE A 102 14.89 6.39 3.91
C ILE A 102 15.96 5.29 4.08
N LEU A 103 15.93 4.23 3.26
CA LEU A 103 16.88 3.08 3.38
C LEU A 103 18.24 3.43 2.77
N SER A 104 18.35 4.17 1.66
CA SER A 104 19.58 4.27 0.82
C SER A 104 20.01 5.70 0.50
N GLY A 105 19.16 6.71 0.69
CA GLY A 105 19.45 8.07 0.20
C GLY A 105 20.49 8.75 1.08
N SER A 106 21.30 9.59 0.47
CA SER A 106 22.18 10.59 1.17
C SER A 106 21.34 11.45 2.10
N ASP A 107 22.00 12.05 3.07
CA ASP A 107 21.39 13.06 3.98
C ASP A 107 20.76 14.21 3.18
N GLU A 108 21.38 14.60 2.08
CA GLU A 108 20.97 15.76 1.24
C GLU A 108 19.64 15.38 0.59
N VAL A 109 19.59 14.20 -0.01
CA VAL A 109 18.38 13.71 -0.73
C VAL A 109 17.24 13.62 0.29
N LYS A 110 17.49 13.01 1.42
CA LYS A 110 16.44 12.91 2.47
C LYS A 110 15.99 14.30 2.88
N GLN A 111 16.93 15.22 3.07
CA GLN A 111 16.59 16.57 3.60
C GLN A 111 15.77 17.33 2.55
N ARG A 112 16.04 17.13 1.27
CA ARG A 112 15.28 17.77 0.17
C ARG A 112 13.80 17.33 0.16
N TYR A 113 13.49 16.05 0.34
CA TYR A 113 12.17 15.46 -0.04
C TYR A 113 11.33 15.12 1.18
N LEU A 114 11.91 14.56 2.25
CA LEU A 114 11.12 14.06 3.41
C LEU A 114 10.37 15.16 4.15
N PRO A 115 10.94 16.40 4.31
CA PRO A 115 10.17 17.44 4.98
C PRO A 115 8.89 17.80 4.19
N GLU A 116 8.91 17.76 2.87
CA GLU A 116 7.70 18.09 2.06
C GLU A 116 6.64 16.98 2.24
N LEU A 117 7.08 15.73 2.37
CA LEU A 117 6.16 14.59 2.65
C LEU A 117 5.56 14.76 4.03
N ALA A 118 6.42 15.05 5.01
CA ALA A 118 6.01 15.18 6.42
C ALA A 118 4.94 16.25 6.57
N SER A 119 5.09 17.35 5.83
CA SER A 119 4.19 18.54 5.96
C SER A 119 2.95 18.25 5.14
N GLY A 120 3.03 17.33 4.17
CA GLY A 120 1.85 17.03 3.34
C GLY A 120 1.78 17.93 2.13
N GLU A 121 2.82 18.70 1.85
CA GLU A 121 2.91 19.53 0.63
C GLU A 121 3.15 18.61 -0.56
N ALA A 122 3.70 17.42 -0.39
CA ALA A 122 3.90 16.51 -1.54
C ALA A 122 3.54 15.07 -1.11
N MET A 123 3.00 14.34 -2.06
CA MET A 123 2.87 12.87 -2.08
C MET A 123 3.98 12.29 -2.96
N PHE A 124 4.34 11.06 -2.64
CA PHE A 124 5.32 10.21 -3.35
C PHE A 124 4.61 9.05 -4.05
N SER A 125 5.15 8.69 -5.20
CA SER A 125 4.85 7.45 -5.96
C SER A 125 6.14 6.68 -6.17
N TYR A 126 6.00 5.43 -6.56
CA TYR A 126 7.11 4.45 -6.71
C TYR A 126 7.01 3.84 -8.10
N GLY A 127 8.01 4.04 -8.93
CA GLY A 127 7.97 3.54 -10.31
C GLY A 127 8.95 2.43 -10.52
N LEU A 128 8.47 1.19 -10.43
CA LEU A 128 9.29 -0.04 -10.53
C LEU A 128 8.81 -0.88 -11.69
N SER A 129 7.53 -1.24 -11.68
CA SER A 129 6.96 -2.17 -12.68
C SER A 129 6.98 -1.56 -14.08
N GLU A 130 6.98 -2.44 -15.07
CA GLU A 130 6.84 -2.09 -16.49
C GLU A 130 5.88 -3.05 -17.20
N ARG A 131 5.60 -2.72 -18.44
CA ARG A 131 4.74 -3.49 -19.35
C ARG A 131 5.32 -4.90 -19.52
N GLU A 132 6.64 -5.04 -19.69
CA GLU A 132 7.21 -6.37 -20.02
C GLU A 132 7.90 -6.95 -18.78
N ALA A 133 8.11 -6.16 -17.76
CA ALA A 133 8.74 -6.57 -16.49
C ALA A 133 7.84 -6.18 -15.34
N GLY A 134 6.91 -7.06 -14.96
CA GLY A 134 6.07 -6.82 -13.78
C GLY A 134 6.63 -7.53 -12.56
N SER A 135 6.35 -8.82 -12.43
CA SER A 135 6.97 -9.66 -11.37
C SER A 135 8.49 -9.67 -11.55
N ASP A 136 8.98 -9.79 -12.77
CA ASP A 136 10.42 -9.93 -13.06
C ASP A 136 11.06 -8.52 -13.18
N THR A 137 11.28 -7.83 -12.07
CA THR A 137 11.73 -6.42 -12.11
C THR A 137 13.20 -6.36 -12.56
N ALA A 138 14.02 -7.40 -12.35
CA ALA A 138 15.44 -7.41 -12.79
C ALA A 138 15.54 -7.29 -14.32
N SER A 139 14.48 -7.59 -15.07
CA SER A 139 14.45 -7.50 -16.57
C SER A 139 13.94 -6.14 -17.04
N MET A 140 13.80 -5.15 -16.15
CA MET A 140 13.26 -3.80 -16.49
C MET A 140 14.15 -3.21 -17.59
N ARG A 141 13.55 -2.40 -18.45
CA ARG A 141 14.20 -1.81 -19.66
C ARG A 141 14.30 -0.29 -19.53
N THR A 142 13.54 0.39 -18.67
CA THR A 142 13.74 1.84 -18.44
C THR A 142 15.25 2.04 -18.16
N ARG A 143 15.87 3.03 -18.83
CA ARG A 143 17.32 3.29 -18.74
C ARG A 143 17.62 4.72 -18.29
N ALA A 144 18.67 4.85 -17.51
CA ALA A 144 19.26 6.14 -17.10
C ALA A 144 20.72 6.18 -17.59
N VAL A 145 21.06 7.22 -18.35
CA VAL A 145 22.36 7.42 -19.07
C VAL A 145 22.97 8.76 -18.58
N ARG A 146 24.21 8.73 -18.13
CA ARG A 146 24.94 9.94 -17.68
C ARG A 146 25.06 10.88 -18.89
N ASP A 147 24.81 12.17 -18.71
CA ASP A 147 25.18 13.17 -19.75
C ASP A 147 25.81 14.32 -18.99
N GLY A 148 27.14 14.32 -18.88
CA GLY A 148 27.80 15.23 -17.95
C GLY A 148 27.41 14.89 -16.54
N ASP A 149 26.95 15.86 -15.77
CA ASP A 149 26.48 15.70 -14.37
C ASP A 149 25.01 15.29 -14.36
N ASP A 150 24.37 15.25 -15.52
CA ASP A 150 22.91 14.95 -15.59
C ASP A 150 22.67 13.45 -15.79
N TRP A 151 21.42 13.02 -15.60
CA TRP A 151 20.97 11.70 -16.08
C TRP A 151 19.88 11.88 -17.13
N ILE A 152 19.90 11.08 -18.19
CA ILE A 152 18.80 11.04 -19.19
C ILE A 152 18.01 9.72 -18.98
N LEU A 153 16.73 9.81 -18.61
CA LEU A 153 15.81 8.64 -18.43
C LEU A 153 14.98 8.45 -19.69
N ASN A 154 14.94 7.22 -20.16
CA ASN A 154 14.09 6.77 -21.29
C ASN A 154 13.42 5.46 -20.89
N GLY A 155 12.11 5.39 -21.12
CA GLY A 155 11.28 4.18 -21.08
C GLY A 155 9.91 4.50 -20.52
N GLN A 156 9.40 3.62 -19.67
CA GLN A 156 8.01 3.67 -19.14
C GLN A 156 7.94 2.82 -17.88
N LYS A 157 7.11 3.26 -16.94
CA LYS A 157 6.68 2.46 -15.77
C LYS A 157 5.17 2.25 -15.89
N SER A 158 4.72 1.06 -15.49
CA SER A 158 3.29 0.67 -15.58
C SER A 158 2.69 0.63 -14.18
N TRP A 159 1.41 0.97 -14.05
CA TRP A 159 0.59 0.63 -12.86
C TRP A 159 0.89 1.58 -11.71
N ILE A 160 1.29 2.84 -11.95
CA ILE A 160 1.88 3.62 -10.84
C ILE A 160 0.74 4.26 -10.02
N THR A 161 0.62 3.84 -8.78
CA THR A 161 -0.38 4.34 -7.81
C THR A 161 -0.10 5.82 -7.47
N ASN A 162 -1.15 6.61 -7.56
CA ASN A 162 -1.14 8.04 -7.22
C ASN A 162 -0.40 8.86 -8.27
N ALA A 163 -0.09 8.27 -9.42
CA ALA A 163 0.56 9.03 -10.51
C ALA A 163 -0.38 10.20 -10.88
N GLY A 164 0.24 11.34 -11.14
CA GLY A 164 -0.43 12.58 -11.55
C GLY A 164 -0.78 13.39 -10.34
N ILE A 165 -1.02 12.79 -9.20
CA ILE A 165 -1.28 13.49 -7.91
C ILE A 165 0.05 13.71 -7.16
N SER A 166 0.91 12.70 -7.18
CA SER A 166 2.24 12.75 -6.50
C SER A 166 3.11 13.81 -7.20
N LYS A 167 3.91 14.53 -6.44
CA LYS A 167 4.86 15.53 -6.94
C LYS A 167 6.18 14.84 -7.27
N TYR A 168 6.56 13.82 -6.48
CA TYR A 168 7.83 13.09 -6.59
C TYR A 168 7.59 11.60 -6.88
N TYR A 169 8.44 11.06 -7.72
CA TYR A 169 8.39 9.69 -8.27
C TYR A 169 9.76 9.09 -7.98
N THR A 170 9.84 8.06 -7.12
CA THR A 170 11.07 7.24 -6.97
C THR A 170 11.06 6.17 -8.05
N VAL A 171 11.98 6.31 -9.00
CA VAL A 171 11.99 5.54 -10.25
C VAL A 171 13.27 4.70 -10.30
N MET A 172 13.14 3.43 -10.66
CA MET A 172 14.31 2.56 -10.80
C MET A 172 14.55 2.37 -12.28
N ALA A 173 15.80 2.44 -12.67
CA ALA A 173 16.18 2.38 -14.10
C ALA A 173 17.54 1.66 -14.20
N VAL A 174 17.75 1.05 -15.36
CA VAL A 174 19.01 0.37 -15.73
C VAL A 174 20.10 1.44 -15.96
N THR A 175 21.16 1.38 -15.18
CA THR A 175 22.33 2.28 -15.32
C THR A 175 23.50 1.61 -16.03
N ASP A 176 23.39 0.34 -16.42
CA ASP A 176 24.44 -0.34 -17.22
C ASP A 176 23.88 -1.60 -17.83
N PRO A 177 23.45 -1.54 -19.10
CA PRO A 177 22.80 -2.67 -19.75
C PRO A 177 23.74 -3.88 -19.84
N ASP A 178 25.03 -3.71 -19.54
CA ASP A 178 26.02 -4.81 -19.61
C ASP A 178 26.43 -5.24 -18.20
N GLY A 179 26.00 -4.53 -17.15
CA GLY A 179 26.34 -4.88 -15.76
C GLY A 179 25.67 -6.19 -15.38
N PRO A 180 25.98 -6.74 -14.19
CA PRO A 180 25.41 -8.03 -13.77
C PRO A 180 23.91 -7.91 -13.46
N ARG A 181 23.15 -8.94 -13.84
CA ARG A 181 21.68 -9.02 -13.61
C ARG A 181 21.40 -8.70 -12.12
N GLY A 182 20.45 -7.80 -11.83
CA GLY A 182 20.06 -7.42 -10.46
C GLY A 182 21.00 -6.40 -9.83
N ARG A 183 22.15 -6.09 -10.43
CA ARG A 183 23.12 -5.18 -9.78
C ARG A 183 23.52 -4.09 -10.79
N ASN A 184 22.66 -3.77 -11.74
CA ASN A 184 22.88 -2.77 -12.83
C ASN A 184 21.75 -1.73 -12.87
N ILE A 185 21.12 -1.44 -11.72
CA ILE A 185 19.90 -0.62 -11.63
C ILE A 185 20.16 0.41 -10.56
N SER A 186 19.60 1.60 -10.75
CA SER A 186 19.75 2.70 -9.77
C SER A 186 18.38 3.36 -9.57
N ALA A 187 18.22 4.01 -8.43
CA ALA A 187 16.98 4.71 -8.05
C ALA A 187 17.24 6.22 -8.18
N PHE A 188 16.21 6.93 -8.65
CA PHE A 188 16.21 8.40 -8.89
C PHE A 188 14.90 9.03 -8.40
N VAL A 189 14.96 10.23 -7.83
CA VAL A 189 13.75 11.08 -7.61
C VAL A 189 13.47 11.88 -8.89
N VAL A 190 12.30 11.65 -9.49
CA VAL A 190 11.76 12.37 -10.67
C VAL A 190 10.62 13.27 -10.21
N HIS A 191 10.59 14.52 -10.69
CA HIS A 191 9.56 15.54 -10.33
C HIS A 191 8.46 15.51 -11.40
N ILE A 192 7.24 15.79 -10.96
CA ILE A 192 6.08 15.86 -11.88
C ILE A 192 6.37 16.81 -13.06
N ASP A 193 7.18 17.87 -12.92
CA ASP A 193 7.41 18.84 -14.03
C ASP A 193 8.80 18.62 -14.68
N ASP A 194 9.48 17.50 -14.44
CA ASP A 194 10.72 17.19 -15.18
C ASP A 194 10.38 17.11 -16.65
N PRO A 195 11.31 17.57 -17.52
CA PRO A 195 11.03 17.63 -18.94
C PRO A 195 10.87 16.24 -19.56
N GLY A 196 9.99 16.08 -20.55
CA GLY A 196 9.85 14.82 -21.29
C GLY A 196 9.05 13.75 -20.52
N PHE A 197 8.58 14.08 -19.32
CA PHE A 197 7.87 13.17 -18.38
C PHE A 197 6.36 13.36 -18.59
N SER A 198 5.65 12.39 -19.16
CA SER A 198 4.15 12.40 -19.19
C SER A 198 3.51 11.19 -18.48
N PHE A 199 2.18 11.25 -18.33
CA PHE A 199 1.33 10.21 -17.75
C PHE A 199 0.43 9.61 -18.82
N GLY A 200 0.20 8.30 -18.72
CA GLY A 200 -0.81 7.61 -19.55
C GLY A 200 -2.21 7.93 -19.04
N GLU A 201 -3.20 7.49 -19.79
CA GLU A 201 -4.62 7.62 -19.38
C GLU A 201 -4.85 6.80 -18.11
N PRO A 202 -5.68 7.25 -17.16
CA PRO A 202 -5.91 6.46 -15.94
C PRO A 202 -6.48 5.06 -16.28
N GLU A 203 -6.00 4.02 -15.61
CA GLU A 203 -6.49 2.63 -15.82
C GLU A 203 -7.93 2.59 -15.33
N ARG A 204 -8.77 1.82 -15.99
CA ARG A 204 -10.17 1.53 -15.57
C ARG A 204 -10.13 0.19 -14.81
N LYS A 205 -10.27 0.23 -13.50
CA LYS A 205 -9.96 -0.88 -12.57
C LYS A 205 -11.24 -1.56 -12.07
N LEU A 206 -11.07 -2.77 -11.54
CA LEU A 206 -12.15 -3.49 -10.78
C LEU A 206 -12.47 -2.74 -9.49
N GLY A 207 -11.43 -2.37 -8.74
CA GLY A 207 -11.57 -1.68 -7.44
C GLY A 207 -10.43 -0.69 -7.23
N ILE A 208 -10.25 -0.22 -5.99
CA ILE A 208 -9.51 0.99 -5.60
C ILE A 208 -9.63 2.01 -6.73
N LYS A 209 -10.86 2.30 -7.09
CA LYS A 209 -11.15 3.10 -8.29
C LYS A 209 -10.76 4.57 -8.09
N GLY A 210 -10.84 5.11 -6.87
CA GLY A 210 -10.43 6.50 -6.60
C GLY A 210 -8.91 6.67 -6.65
N SER A 211 -8.15 5.61 -6.45
CA SER A 211 -6.67 5.63 -6.51
C SER A 211 -6.24 5.75 -7.96
N PRO A 212 -5.64 6.87 -8.38
CA PRO A 212 -5.16 6.98 -9.75
C PRO A 212 -4.08 5.94 -10.01
N THR A 213 -4.16 5.27 -11.17
CA THR A 213 -3.21 4.23 -11.56
C THR A 213 -2.82 4.52 -13.01
N ARG A 214 -1.58 4.85 -13.27
CA ARG A 214 -1.25 5.48 -14.59
C ARG A 214 0.16 5.09 -14.98
N GLU A 215 0.37 4.93 -16.27
CA GLU A 215 1.72 4.75 -16.81
C GLU A 215 2.53 6.06 -16.65
N LEU A 216 3.84 5.93 -16.41
CA LEU A 216 4.82 7.03 -16.53
C LEU A 216 5.55 6.84 -17.84
N ILE A 217 5.63 7.90 -18.64
CA ILE A 217 6.36 7.87 -19.93
C ILE A 217 7.54 8.84 -19.81
N PHE A 218 8.73 8.29 -20.04
CA PHE A 218 10.00 9.04 -19.98
C PHE A 218 10.54 9.15 -21.40
N ASP A 219 10.45 10.37 -21.94
CA ASP A 219 11.01 10.69 -23.28
C ASP A 219 12.22 11.60 -23.09
N ASN A 220 13.44 11.03 -23.04
CA ASN A 220 14.72 11.76 -22.82
C ASN A 220 14.55 12.74 -21.68
N VAL A 221 14.22 12.22 -20.52
CA VAL A 221 14.03 13.03 -19.31
C VAL A 221 15.39 13.34 -18.72
N ARG A 222 15.73 14.64 -18.75
CA ARG A 222 17.01 15.16 -18.22
C ARG A 222 16.81 15.61 -16.79
N ILE A 223 17.58 15.03 -15.87
CA ILE A 223 17.44 15.37 -14.43
C ILE A 223 18.85 15.53 -13.88
N PRO A 224 19.03 16.31 -12.79
CA PRO A 224 20.36 16.52 -12.23
C PRO A 224 20.93 15.26 -11.59
N GLY A 225 22.26 15.28 -11.43
CA GLY A 225 23.02 14.17 -10.87
C GLY A 225 22.65 13.92 -9.44
N ASP A 226 22.18 14.94 -8.74
CA ASP A 226 21.86 14.82 -7.28
C ASP A 226 20.48 14.16 -7.07
N ARG A 227 19.78 13.74 -8.12
CA ARG A 227 18.48 13.01 -8.02
C ARG A 227 18.75 11.53 -7.64
N LEU A 228 20.00 11.07 -7.78
CA LEU A 228 20.42 9.68 -7.50
C LEU A 228 20.14 9.33 -6.05
N VAL A 229 19.39 8.24 -5.84
CA VAL A 229 19.10 7.67 -4.49
C VAL A 229 19.98 6.41 -4.25
N GLY A 230 20.84 6.52 -3.25
CA GLY A 230 21.88 5.51 -2.98
C GLY A 230 22.94 5.46 -4.07
N LYS A 231 23.57 4.31 -4.22
CA LYS A 231 24.76 4.04 -5.06
C LYS A 231 24.28 3.50 -6.38
N VAL A 232 25.03 3.85 -7.43
CA VAL A 232 24.75 3.40 -8.82
C VAL A 232 24.81 1.88 -8.74
N GLY A 233 23.82 1.18 -9.31
CA GLY A 233 23.78 -0.28 -9.38
C GLY A 233 23.12 -0.93 -8.16
N GLU A 234 22.83 -0.21 -7.08
CA GLU A 234 22.26 -0.85 -5.90
C GLU A 234 20.74 -0.63 -5.85
N GLY A 235 20.11 -0.13 -6.93
CA GLY A 235 18.70 0.29 -6.90
C GLY A 235 17.76 -0.87 -6.65
N LEU A 236 18.00 -2.02 -7.28
CA LEU A 236 17.10 -3.19 -7.15
C LEU A 236 17.25 -3.81 -5.75
N ARG A 237 18.46 -3.83 -5.20
CA ARG A 237 18.67 -4.23 -3.79
C ARG A 237 17.80 -3.31 -2.91
N THR A 238 17.76 -2.00 -3.21
CA THR A 238 16.98 -1.04 -2.38
C THR A 238 15.49 -1.33 -2.55
N ALA A 239 15.08 -1.70 -3.75
CA ALA A 239 13.69 -1.99 -4.11
C ALA A 239 13.21 -3.24 -3.37
N LEU A 240 14.03 -4.29 -3.31
CA LEU A 240 13.72 -5.56 -2.60
C LEU A 240 13.64 -5.28 -1.12
N ARG A 241 14.57 -4.49 -0.61
CA ARG A 241 14.56 -4.15 0.82
C ARG A 241 13.26 -3.38 1.12
N THR A 242 12.92 -2.43 0.28
CA THR A 242 11.67 -1.66 0.41
C THR A 242 10.46 -2.64 0.52
N LEU A 243 10.37 -3.52 -0.46
CA LEU A 243 9.28 -4.55 -0.53
C LEU A 243 9.18 -5.33 0.80
N ASP A 244 10.30 -5.75 1.40
CA ASP A 244 10.27 -6.47 2.71
C ASP A 244 9.48 -5.67 3.74
N HIS A 245 9.59 -4.33 3.76
CA HIS A 245 8.78 -3.53 4.71
C HIS A 245 7.35 -3.29 4.18
N THR A 246 7.20 -2.93 2.91
CA THR A 246 5.92 -2.40 2.43
C THR A 246 4.89 -3.54 2.25
N ARG A 247 5.30 -4.77 1.93
CA ARG A 247 4.36 -5.94 1.83
C ARG A 247 3.53 -6.01 3.11
N VAL A 248 4.18 -5.76 4.26
CA VAL A 248 3.51 -5.83 5.58
C VAL A 248 2.34 -4.85 5.56
N THR A 249 2.53 -3.65 4.98
CA THR A 249 1.47 -2.59 5.01
C THR A 249 0.31 -2.99 4.08
N ILE A 250 0.57 -3.75 3.02
CA ILE A 250 -0.58 -4.25 2.20
C ILE A 250 -1.30 -5.35 2.98
N GLY A 251 -0.59 -6.15 3.77
CA GLY A 251 -1.26 -7.09 4.68
C GLY A 251 -2.18 -6.32 5.62
N ALA A 252 -1.70 -5.20 6.15
CA ALA A 252 -2.52 -4.36 7.06
C ALA A 252 -3.73 -3.81 6.30
N GLN A 253 -3.54 -3.37 5.07
CA GLN A 253 -4.65 -2.86 4.22
C GLN A 253 -5.69 -3.98 4.06
N ALA A 254 -5.25 -5.19 3.70
CA ALA A 254 -6.15 -6.34 3.51
C ALA A 254 -6.94 -6.61 4.78
N VAL A 255 -6.27 -6.53 5.93
CA VAL A 255 -6.93 -6.74 7.25
C VAL A 255 -8.03 -5.70 7.43
N GLY A 256 -7.75 -4.42 7.16
CA GLY A 256 -8.75 -3.36 7.34
C GLY A 256 -9.95 -3.52 6.40
N ILE A 257 -9.70 -3.87 5.14
CA ILE A 257 -10.82 -4.05 4.19
C ILE A 257 -11.70 -5.18 4.74
N ALA A 258 -11.08 -6.29 5.15
CA ALA A 258 -11.83 -7.47 5.66
C ALA A 258 -12.56 -7.05 6.92
N GLN A 259 -11.91 -6.28 7.77
CA GLN A 259 -12.61 -5.84 9.00
C GLN A 259 -13.85 -4.99 8.67
N GLY A 260 -13.76 -4.06 7.70
CA GLY A 260 -14.93 -3.25 7.34
C GLY A 260 -16.05 -4.11 6.82
N ALA A 261 -15.70 -5.10 6.01
CA ALA A 261 -16.74 -5.97 5.44
C ALA A 261 -17.42 -6.79 6.57
N LEU A 262 -16.64 -7.36 7.48
CA LEU A 262 -17.16 -8.16 8.61
C LEU A 262 -18.01 -7.23 9.51
N ASP A 263 -17.51 -6.02 9.83
CA ASP A 263 -18.30 -5.05 10.65
C ASP A 263 -19.66 -4.85 10.00
N TYR A 264 -19.67 -4.67 8.69
CA TYR A 264 -20.94 -4.39 7.99
C TYR A 264 -21.84 -5.61 8.02
N ALA A 265 -21.31 -6.79 7.69
CA ALA A 265 -22.07 -8.05 7.65
C ALA A 265 -22.64 -8.33 9.03
N LEU A 266 -21.86 -8.18 10.09
CA LEU A 266 -22.34 -8.47 11.47
C LEU A 266 -23.51 -7.55 11.85
N GLY A 267 -23.39 -6.24 11.58
CA GLY A 267 -24.49 -5.29 11.87
C GLY A 267 -25.73 -5.68 11.08
N TYR A 268 -25.55 -6.10 9.84
CA TYR A 268 -26.72 -6.41 8.99
C TYR A 268 -27.44 -7.67 9.44
N VAL A 269 -26.72 -8.77 9.70
CA VAL A 269 -27.38 -10.07 10.03
C VAL A 269 -28.01 -10.01 11.42
N LYS A 270 -27.61 -9.07 12.29
CA LYS A 270 -28.36 -8.86 13.57
C LYS A 270 -29.73 -8.23 13.31
N GLU A 271 -29.90 -7.43 12.26
CA GLU A 271 -31.13 -6.62 11.98
C GLU A 271 -32.04 -7.33 10.98
N ARG A 272 -31.47 -7.92 9.95
CA ARG A 272 -32.32 -8.53 8.90
C ARG A 272 -33.00 -9.75 9.47
N LYS A 273 -34.31 -9.86 9.28
CA LYS A 273 -35.10 -11.03 9.74
C LYS A 273 -35.60 -11.78 8.50
N GLN A 274 -35.58 -13.11 8.55
CA GLN A 274 -36.18 -13.99 7.52
C GLN A 274 -36.64 -15.22 8.28
N PHE A 275 -37.76 -15.80 7.88
CA PHE A 275 -38.37 -16.98 8.51
C PHE A 275 -38.58 -16.66 9.99
N GLY A 276 -38.87 -15.41 10.34
CA GLY A 276 -39.27 -15.05 11.70
C GLY A 276 -38.10 -14.96 12.67
N LYS A 277 -36.84 -14.99 12.21
CA LYS A 277 -35.77 -14.65 13.16
C LYS A 277 -34.65 -13.88 12.49
N ALA A 278 -33.80 -13.28 13.31
CA ALA A 278 -32.60 -12.62 12.82
C ALA A 278 -31.76 -13.64 12.04
N ILE A 279 -31.20 -13.21 10.90
CA ILE A 279 -30.28 -14.03 10.07
C ILE A 279 -29.14 -14.54 10.98
N ALA A 280 -28.61 -13.70 11.86
CA ALA A 280 -27.58 -14.04 12.87
C ALA A 280 -28.02 -15.27 13.69
N ASP A 281 -29.32 -15.58 13.83
CA ASP A 281 -29.78 -16.72 14.66
C ASP A 281 -29.62 -18.04 13.90
N PHE A 282 -29.34 -18.04 12.60
CA PHE A 282 -29.13 -19.31 11.85
C PHE A 282 -27.70 -19.81 12.10
N GLN A 283 -27.58 -21.07 12.51
CA GLN A 283 -26.26 -21.61 12.91
C GLN A 283 -25.31 -21.68 11.70
N GLY A 284 -25.79 -21.97 10.48
CA GLY A 284 -24.90 -21.91 9.28
C GLY A 284 -24.28 -20.52 9.13
N ILE A 285 -25.05 -19.47 9.43
CA ILE A 285 -24.58 -18.06 9.37
C ILE A 285 -23.55 -17.84 10.47
N GLN A 286 -23.85 -18.28 11.68
CA GLN A 286 -22.92 -18.21 12.84
C GLN A 286 -21.56 -18.86 12.53
N PHE A 287 -21.57 -20.01 11.84
CA PHE A 287 -20.33 -20.71 11.43
C PHE A 287 -19.58 -19.86 10.41
N MET A 288 -20.28 -19.29 9.42
CA MET A 288 -19.64 -18.36 8.45
C MET A 288 -19.02 -17.15 9.17
N LEU A 289 -19.74 -16.56 10.11
CA LEU A 289 -19.21 -15.39 10.86
C LEU A 289 -17.98 -15.81 11.68
N ALA A 290 -18.03 -16.97 12.33
CA ALA A 290 -16.88 -17.46 13.15
C ALA A 290 -15.66 -17.67 12.23
N ASP A 291 -15.87 -18.27 11.07
CA ASP A 291 -14.76 -18.45 10.08
C ASP A 291 -14.14 -17.10 9.67
N MET A 292 -14.96 -16.11 9.38
CA MET A 292 -14.52 -14.77 8.94
C MET A 292 -13.69 -14.17 10.06
N ALA A 293 -14.23 -14.18 11.30
CA ALA A 293 -13.60 -13.52 12.45
C ALA A 293 -12.29 -14.24 12.81
N MET A 294 -12.29 -15.57 12.80
CA MET A 294 -11.07 -16.34 13.21
C MET A 294 -9.96 -16.07 12.22
N LYS A 295 -10.27 -16.21 10.93
CA LYS A 295 -9.25 -16.00 9.87
C LYS A 295 -8.76 -14.54 9.90
N LEU A 296 -9.65 -13.58 10.09
CA LEU A 296 -9.28 -12.15 10.13
C LEU A 296 -8.33 -11.94 11.29
N GLU A 297 -8.68 -12.50 12.45
CA GLU A 297 -7.86 -12.24 13.67
C GLU A 297 -6.48 -12.89 13.48
N ALA A 298 -6.40 -14.13 12.97
CA ALA A 298 -5.11 -14.75 12.63
C ALA A 298 -4.33 -13.83 11.67
N ALA A 299 -4.98 -13.30 10.64
CA ALA A 299 -4.27 -12.45 9.65
C ALA A 299 -3.74 -11.17 10.35
N ARG A 300 -4.58 -10.55 11.16
CA ARG A 300 -4.20 -9.31 11.91
C ARG A 300 -2.94 -9.59 12.74
N GLN A 301 -2.92 -10.64 13.59
CA GLN A 301 -1.79 -10.90 14.53
C GLN A 301 -0.54 -11.22 13.70
N MET A 302 -0.71 -11.91 12.58
CA MET A 302 0.46 -12.18 11.73
C MET A 302 1.04 -10.89 11.11
N VAL A 303 0.19 -9.96 10.66
CA VAL A 303 0.60 -8.64 10.15
C VAL A 303 1.36 -7.91 11.28
N TYR A 304 0.83 -7.89 12.48
CA TYR A 304 1.50 -7.16 13.59
C TYR A 304 2.85 -7.79 13.94
N VAL A 305 2.96 -9.12 13.91
CA VAL A 305 4.25 -9.83 14.12
C VAL A 305 5.20 -9.41 13.00
N ALA A 306 4.75 -9.37 11.75
CA ALA A 306 5.66 -8.94 10.67
C ALA A 306 6.03 -7.44 10.82
N ALA A 307 5.12 -6.61 11.31
CA ALA A 307 5.35 -5.16 11.48
C ALA A 307 6.45 -4.94 12.53
N ALA A 308 6.40 -5.68 13.64
CA ALA A 308 7.42 -5.62 14.71
C ALA A 308 8.75 -6.10 14.13
N LYS A 309 8.73 -7.09 13.25
CA LYS A 309 9.94 -7.53 12.53
C LYS A 309 10.48 -6.45 11.60
N SER A 310 9.59 -5.73 10.93
CA SER A 310 9.95 -4.61 10.06
C SER A 310 10.62 -3.51 10.91
N GLU A 311 10.04 -3.17 12.04
CA GLU A 311 10.60 -2.13 12.92
C GLU A 311 12.02 -2.53 13.35
N ARG A 312 12.26 -3.77 13.78
CA ARG A 312 13.57 -4.25 14.32
C ARG A 312 14.50 -4.65 13.19
N ASP A 313 14.00 -4.81 11.97
CA ASP A 313 14.76 -5.43 10.84
C ASP A 313 15.26 -6.84 11.22
N ASP A 314 14.40 -7.68 11.80
CA ASP A 314 14.65 -9.13 12.07
C ASP A 314 15.14 -9.81 10.77
N ALA A 315 16.10 -10.71 10.91
CA ALA A 315 16.72 -11.42 9.78
C ALA A 315 15.66 -12.26 9.06
N ASP A 316 14.54 -12.66 9.68
CA ASP A 316 13.52 -13.47 8.94
C ASP A 316 12.33 -12.59 8.45
N LEU A 317 12.55 -11.28 8.25
CA LEU A 317 11.49 -10.34 7.78
C LEU A 317 10.94 -10.81 6.41
N SER A 318 11.76 -11.29 5.47
CA SER A 318 11.28 -11.70 4.13
C SER A 318 10.16 -12.73 4.26
N PHE A 319 10.39 -13.79 5.04
CA PHE A 319 9.43 -14.89 5.24
C PHE A 319 8.18 -14.28 5.86
N TYR A 320 8.33 -13.61 6.99
CA TYR A 320 7.18 -13.20 7.81
C TYR A 320 6.33 -12.19 7.06
N GLY A 321 6.94 -11.27 6.31
CA GLY A 321 6.25 -10.25 5.51
C GLY A 321 5.50 -10.90 4.35
N ALA A 322 6.14 -11.83 3.66
CA ALA A 322 5.55 -12.51 2.49
C ALA A 322 4.35 -13.34 2.95
N ALA A 323 4.53 -14.08 4.05
CA ALA A 323 3.45 -14.84 4.69
C ALA A 323 2.32 -13.90 5.11
N ALA A 324 2.66 -12.79 5.79
CA ALA A 324 1.63 -11.89 6.33
C ALA A 324 0.83 -11.31 5.15
N LYS A 325 1.49 -10.92 4.07
CA LYS A 325 0.78 -10.21 2.98
C LYS A 325 -0.10 -11.22 2.24
N CYS A 326 0.45 -12.40 1.95
CA CYS A 326 -0.26 -13.46 1.18
C CYS A 326 -1.46 -13.92 1.99
N PHE A 327 -1.25 -14.21 3.27
CA PHE A 327 -2.32 -14.74 4.14
C PHE A 327 -3.44 -13.72 4.25
N ALA A 328 -3.11 -12.49 4.61
CA ALA A 328 -4.13 -11.44 4.84
C ALA A 328 -4.93 -11.15 3.59
N SER A 329 -4.30 -11.06 2.42
CA SER A 329 -5.02 -10.75 1.18
C SER A 329 -5.93 -11.94 0.79
N ASP A 330 -5.44 -13.19 0.91
CA ASP A 330 -6.25 -14.41 0.63
C ASP A 330 -7.47 -14.37 1.53
N VAL A 331 -7.26 -14.12 2.81
CA VAL A 331 -8.36 -14.08 3.81
C VAL A 331 -9.32 -12.92 3.52
N ALA A 332 -8.80 -11.77 3.12
CA ALA A 332 -9.68 -10.62 2.79
C ALA A 332 -10.53 -10.96 1.55
N MET A 333 -9.96 -11.59 0.55
CA MET A 333 -10.75 -12.02 -0.63
C MET A 333 -11.89 -12.93 -0.22
N GLU A 334 -11.61 -13.91 0.63
CA GLU A 334 -12.65 -14.85 1.07
C GLU A 334 -13.65 -14.10 1.93
N ILE A 335 -13.22 -13.32 2.91
CA ILE A 335 -14.17 -12.63 3.84
C ILE A 335 -15.08 -11.66 3.07
N THR A 336 -14.56 -10.87 2.14
CA THR A 336 -15.37 -9.85 1.43
C THR A 336 -16.35 -10.60 0.53
N THR A 337 -15.96 -11.71 -0.07
CA THR A 337 -16.89 -12.50 -0.94
C THR A 337 -18.06 -13.02 -0.07
N ASP A 338 -17.79 -13.43 1.17
CA ASP A 338 -18.84 -13.87 2.12
C ASP A 338 -19.64 -12.72 2.68
N ALA A 339 -19.07 -11.54 2.84
CA ALA A 339 -19.81 -10.37 3.35
C ALA A 339 -20.88 -9.95 2.33
N VAL A 340 -20.54 -10.03 1.05
CA VAL A 340 -21.55 -9.76 0.00
C VAL A 340 -22.66 -10.80 0.16
N GLN A 341 -22.26 -12.07 0.26
CA GLN A 341 -23.20 -13.20 0.38
C GLN A 341 -24.22 -12.96 1.51
N LEU A 342 -23.74 -12.54 2.67
CA LEU A 342 -24.54 -12.44 3.91
C LEU A 342 -25.62 -11.34 3.80
N LEU A 343 -25.45 -10.34 2.95
CA LEU A 343 -26.46 -9.27 2.71
C LEU A 343 -27.46 -9.72 1.61
N GLY A 344 -27.25 -10.87 0.97
CA GLY A 344 -28.17 -11.32 -0.09
C GLY A 344 -28.13 -10.37 -1.29
N GLY A 345 -29.27 -10.15 -1.96
CA GLY A 345 -29.45 -9.13 -3.00
C GLY A 345 -28.82 -7.77 -2.70
N TYR A 346 -29.07 -7.23 -1.51
CA TYR A 346 -28.54 -5.93 -1.05
C TYR A 346 -27.03 -5.92 -1.23
N GLY A 347 -26.40 -7.08 -0.97
CA GLY A 347 -24.93 -7.17 -0.97
C GLY A 347 -24.39 -6.97 -2.36
N TYR A 348 -25.21 -7.28 -3.36
CA TYR A 348 -24.79 -7.21 -4.79
C TYR A 348 -25.02 -5.79 -5.32
N THR A 349 -25.55 -4.86 -4.49
CA THR A 349 -25.86 -3.50 -4.96
C THR A 349 -24.88 -2.48 -4.39
N ARG A 350 -24.69 -1.39 -5.11
CA ARG A 350 -23.65 -0.38 -4.78
C ARG A 350 -24.19 0.53 -3.71
N ASP A 351 -25.43 0.32 -3.31
CA ASP A 351 -26.07 1.02 -2.18
C ASP A 351 -25.50 0.54 -0.84
N TYR A 352 -24.95 -0.67 -0.77
CA TYR A 352 -24.20 -1.14 0.42
C TYR A 352 -22.74 -1.15 0.01
N PRO A 353 -21.81 -1.00 0.97
CA PRO A 353 -20.39 -0.91 0.62
C PRO A 353 -19.66 -2.25 0.42
N VAL A 354 -20.31 -3.38 0.66
CA VAL A 354 -19.60 -4.70 0.76
C VAL A 354 -19.17 -5.13 -0.65
N GLU A 355 -19.93 -4.80 -1.71
CA GLU A 355 -19.46 -5.15 -3.08
C GLU A 355 -18.18 -4.34 -3.40
N ARG A 356 -18.10 -3.07 -3.00
CA ARG A 356 -16.86 -2.27 -3.23
C ARG A 356 -15.69 -2.91 -2.47
N MET A 357 -15.96 -3.32 -1.24
CA MET A 357 -14.92 -3.95 -0.36
C MET A 357 -14.42 -5.24 -1.00
N MET A 358 -15.31 -6.04 -1.63
CA MET A 358 -14.87 -7.24 -2.36
C MET A 358 -14.00 -6.88 -3.58
N ARG A 359 -14.42 -5.88 -4.36
CA ARG A 359 -13.65 -5.44 -5.58
C ARG A 359 -12.28 -4.92 -5.13
N ASP A 360 -12.23 -4.21 -4.01
CA ASP A 360 -10.96 -3.64 -3.45
C ASP A 360 -10.05 -4.75 -2.94
N ALA A 361 -10.60 -5.76 -2.24
CA ALA A 361 -9.84 -6.86 -1.62
C ALA A 361 -9.02 -7.54 -2.71
N LYS A 362 -9.55 -7.66 -3.92
CA LYS A 362 -8.87 -8.45 -4.98
C LYS A 362 -7.49 -7.85 -5.30
N ILE A 363 -7.32 -6.52 -5.22
CA ILE A 363 -5.99 -5.91 -5.57
C ILE A 363 -4.92 -6.41 -4.60
N THR A 364 -5.26 -6.64 -3.34
CA THR A 364 -4.27 -6.98 -2.28
C THR A 364 -3.57 -8.31 -2.60
N GLN A 365 -4.19 -9.18 -3.40
CA GLN A 365 -3.57 -10.47 -3.83
C GLN A 365 -2.58 -10.25 -4.97
N ILE A 366 -2.63 -9.08 -5.64
CA ILE A 366 -1.83 -8.86 -6.88
C ILE A 366 -0.66 -7.90 -6.61
N TYR A 367 -0.88 -6.70 -6.05
CA TYR A 367 0.23 -5.69 -6.02
C TYR A 367 1.14 -5.96 -4.83
N GLU A 368 2.30 -5.29 -4.82
CA GLU A 368 3.36 -5.48 -3.82
C GLU A 368 3.80 -6.95 -3.80
N GLY A 369 3.95 -7.53 -4.98
CA GLY A 369 4.33 -8.93 -5.19
C GLY A 369 3.06 -9.75 -5.26
N THR A 370 2.78 -10.36 -6.39
CA THR A 370 1.62 -11.28 -6.47
C THR A 370 1.75 -12.39 -5.41
N ASN A 371 0.63 -12.90 -4.87
CA ASN A 371 0.60 -14.03 -3.91
C ASN A 371 1.35 -15.25 -4.47
N GLN A 372 1.48 -15.36 -5.79
CA GLN A 372 2.31 -16.44 -6.37
C GLN A 372 3.80 -16.14 -6.10
N ILE A 373 4.22 -14.89 -6.28
CA ILE A 373 5.63 -14.49 -6.01
C ILE A 373 5.88 -14.64 -4.52
N GLN A 374 4.89 -14.31 -3.69
CA GLN A 374 4.98 -14.43 -2.22
C GLN A 374 5.23 -15.90 -1.86
N ARG A 375 4.57 -16.86 -2.53
CA ARG A 375 4.76 -18.29 -2.22
C ARG A 375 6.19 -18.67 -2.65
N VAL A 376 6.65 -18.18 -3.80
CA VAL A 376 8.07 -18.39 -4.23
C VAL A 376 9.03 -17.90 -3.14
N VAL A 377 8.87 -16.67 -2.70
CA VAL A 377 9.73 -16.06 -1.65
C VAL A 377 9.67 -16.90 -0.38
N MET A 378 8.47 -17.27 0.09
CA MET A 378 8.33 -18.10 1.31
C MET A 378 9.09 -19.43 1.17
N ALA A 379 8.89 -20.15 0.07
CA ALA A 379 9.53 -21.46 -0.17
C ALA A 379 11.06 -21.28 -0.15
N ARG A 380 11.56 -20.23 -0.77
CA ARG A 380 13.02 -19.97 -0.85
C ARG A 380 13.53 -19.78 0.58
N GLN A 381 12.83 -19.00 1.40
CA GLN A 381 13.29 -18.73 2.78
C GLN A 381 13.24 -20.04 3.58
N LEU A 382 12.22 -20.87 3.40
CA LEU A 382 12.15 -22.18 4.09
C LEU A 382 13.30 -23.09 3.66
N LEU A 383 13.57 -23.21 2.38
CA LEU A 383 14.50 -24.23 1.88
C LEU A 383 15.95 -23.77 2.08
N LYS A 384 16.25 -22.47 2.13
CA LYS A 384 17.67 -22.07 2.26
C LYS A 384 18.08 -22.30 3.72
C1 GOL B . -3.89 16.11 -3.08
O1 GOL B . -4.80 16.64 -4.01
C2 GOL B . -2.51 16.61 -3.40
O2 GOL B . -2.55 18.02 -3.37
C3 GOL B . -1.45 16.13 -2.46
O3 GOL B . -0.25 16.88 -2.66
C1 GOL C . -18.68 2.62 5.59
O1 GOL C . -17.51 2.68 6.42
C2 GOL C . -18.36 2.62 4.09
O2 GOL C . -16.98 2.94 3.84
C3 GOL C . -19.33 3.49 3.29
O3 GOL C . -19.15 3.42 1.87
PA FAD D . 2.96 -10.74 -14.35
O1A FAD D . 4.28 -10.56 -13.69
O2A FAD D . 2.86 -10.76 -15.85
O5B FAD D . 2.30 -12.11 -13.77
C5B FAD D . 1.12 -12.69 -14.38
C4B FAD D . 0.76 -13.91 -13.57
O4B FAD D . 1.89 -14.80 -13.54
C3B FAD D . 0.42 -13.62 -12.10
O3B FAD D . -0.59 -14.46 -11.59
C2B FAD D . 1.73 -13.93 -11.36
O2B FAD D . 1.54 -14.21 -9.99
C1B FAD D . 2.24 -15.09 -12.22
N9A FAD D . 3.71 -15.25 -12.14
C8A FAD D . 4.70 -14.35 -12.51
N7A FAD D . 5.92 -14.80 -12.25
C5A FAD D . 5.72 -16.05 -11.68
C6A FAD D . 6.61 -17.00 -11.17
N6A FAD D . 7.92 -16.82 -11.14
N1A FAD D . 6.09 -18.15 -10.64
C2A FAD D . 4.75 -18.31 -10.66
N3A FAD D . 3.82 -17.46 -11.09
C4A FAD D . 4.36 -16.35 -11.61
N1 FAD D . 3.95 -1.28 -9.38
C2 FAD D . 4.72 -0.18 -9.15
O2 FAD D . 5.92 -0.11 -9.54
N3 FAD D . 4.22 0.85 -8.41
C4 FAD D . 2.92 0.91 -7.95
O4 FAD D . 2.48 1.93 -7.44
C4X FAD D . 2.07 -0.14 -8.32
N5 FAD D . 0.79 -0.07 -7.99
C5X FAD D . -0.06 -0.95 -8.62
C6 FAD D . -1.44 -0.74 -8.54
C7 FAD D . -2.32 -1.49 -9.27
C7M FAD D . -3.80 -1.16 -9.28
C8 FAD D . -1.82 -2.61 -9.99
C8M FAD D . -2.73 -3.49 -10.81
C9 FAD D . -0.48 -2.92 -9.93
C9A FAD D . 0.43 -2.06 -9.32
N10 FAD D . 1.81 -2.26 -9.41
C10 FAD D . 2.67 -1.22 -9.05
C1' FAD D . 2.33 -3.34 -10.25
C2' FAD D . 2.10 -4.71 -9.63
O2' FAD D . 3.11 -4.88 -8.64
C3' FAD D . 2.16 -5.75 -10.76
O3' FAD D . 0.92 -5.92 -11.43
C4' FAD D . 2.61 -7.12 -10.27
O4' FAD D . 3.95 -7.00 -9.84
C5' FAD D . 2.48 -8.18 -11.33
O5' FAD D . 3.07 -7.80 -12.58
P FAD D . 2.18 -8.03 -13.87
O1P FAD D . 0.88 -7.36 -13.60
O2P FAD D . 3.04 -7.70 -15.05
O3P FAD D . 1.94 -9.64 -13.83
#